data_9HFA
#
_entry.id   9HFA
#
_cell.length_a   85.535
_cell.length_b   85.535
_cell.length_c   91.352
_cell.angle_alpha   90.00
_cell.angle_beta   90.00
_cell.angle_gamma   120.00
#
_symmetry.space_group_name_H-M   'P 31 2 1'
#
loop_
_entity.id
_entity.type
_entity.pdbx_description
1 polymer 'Telomeric repeat-binding factor 1'
2 non-polymer 2-(3-fluorophenoxy)-N,N-dimethylacetamide
3 non-polymer GLYCEROL
4 non-polymer 'DIMETHYL SULFOXIDE'
5 water water
#
_entity_poly.entity_id   1
_entity_poly.type   'polypeptide(L)'
_entity_poly.pdbx_seq_one_letter_code
;SNAQVQVGAPEEEEEEEEDAGLVAEAEAVAAGWMLDFLCLSLCRAFRDGRSEDFRRTRNSAEAIIHGLSSLTACQLRTIY
ICQFLTRIAAGKTLDAQFENDERITPLESALMIWGSIEKEHDKLHEEIQNLIKIQAIAVCMENGNFKEAEEVFERIFGDP
NSHMPFKSKLLMIISQKDTFHSFFQHFSYNHMMEKIKSYVNYVLSEKSSTFLMKAAAKVVESKR
;
_entity_poly.pdbx_strand_id   A
#
# COMPACT_ATOMS: atom_id res chain seq x y z
N GLU A 18 -3.10 33.15 -23.94
CA GLU A 18 -4.03 32.19 -24.51
C GLU A 18 -3.28 30.96 -25.07
N ASP A 19 -2.14 30.58 -24.46
CA ASP A 19 -1.39 29.40 -24.93
C ASP A 19 -1.86 28.12 -24.23
N ALA A 20 -2.63 27.28 -24.97
CA ALA A 20 -3.17 26.03 -24.46
C ALA A 20 -2.10 25.04 -23.98
N GLY A 21 -0.96 25.01 -24.67
CA GLY A 21 0.16 24.14 -24.33
C GLY A 21 0.78 24.50 -22.99
N LEU A 22 0.99 25.81 -22.73
CA LEU A 22 1.57 26.26 -21.46
C LEU A 22 0.60 26.04 -20.29
N VAL A 23 -0.72 26.11 -20.54
CA VAL A 23 -1.75 25.89 -19.53
C VAL A 23 -1.79 24.41 -19.18
N ALA A 24 -1.74 23.52 -20.18
CA ALA A 24 -1.71 22.07 -19.98
C ALA A 24 -0.44 21.67 -19.21
N GLU A 25 0.69 22.36 -19.48
CA GLU A 25 1.95 22.12 -18.78
C GLU A 25 1.82 22.50 -17.30
N ALA A 26 1.16 23.63 -17.00
CA ALA A 26 0.95 24.10 -15.64
C ALA A 26 0.01 23.14 -14.90
N GLU A 27 -1.01 22.61 -15.61
CA GLU A 27 -1.93 21.64 -15.04
C GLU A 27 -1.22 20.33 -14.67
N ALA A 28 -0.24 19.91 -15.49
CA ALA A 28 0.53 18.69 -15.23
C ALA A 28 1.48 18.88 -14.03
N VAL A 29 2.12 20.07 -13.92
CA VAL A 29 3.00 20.40 -12.79
C VAL A 29 2.16 20.36 -11.48
N ALA A 30 0.95 20.94 -11.52
CA ALA A 30 0.07 20.97 -10.36
C ALA A 30 -0.46 19.60 -10.00
N ALA A 31 -0.69 18.72 -11.00
CA ALA A 31 -1.10 17.33 -10.77
C ALA A 31 0.02 16.57 -10.04
N GLY A 32 1.27 16.81 -10.41
CA GLY A 32 2.43 16.22 -9.76
C GLY A 32 2.50 16.62 -8.29
N TRP A 33 2.25 17.91 -7.98
CA TRP A 33 2.22 18.41 -6.60
C TRP A 33 1.07 17.77 -5.79
N MET A 34 -0.13 17.72 -6.38
CA MET A 34 -1.27 17.11 -5.72
C MET A 34 -1.01 15.62 -5.44
N LEU A 35 -0.34 14.90 -6.37
CA LEU A 35 -0.01 13.49 -6.20
C LEU A 35 0.90 13.25 -4.98
N ASP A 36 1.95 14.04 -4.81
CA ASP A 36 2.83 13.91 -3.65
C ASP A 36 2.09 14.24 -2.37
N PHE A 37 1.27 15.32 -2.39
CA PHE A 37 0.48 15.71 -1.22
C PHE A 37 -0.49 14.58 -0.80
N LEU A 38 -1.19 13.98 -1.78
CA LEU A 38 -2.17 12.93 -1.50
C LEU A 38 -1.48 11.63 -1.05
N CYS A 39 -0.28 11.33 -1.59
CA CYS A 39 0.46 10.14 -1.14
C CYS A 39 0.83 10.29 0.36
N LEU A 40 1.30 11.49 0.73
CA LEU A 40 1.66 11.85 2.11
C LEU A 40 0.44 11.68 3.03
N SER A 41 -0.70 12.23 2.61
CA SER A 41 -1.95 12.17 3.34
C SER A 41 -2.43 10.73 3.52
N LEU A 42 -2.28 9.90 2.48
CA LEU A 42 -2.67 8.49 2.49
C LEU A 42 -1.80 7.70 3.46
N CYS A 43 -0.47 7.98 3.45
CA CYS A 43 0.51 7.36 4.34
C CYS A 43 0.17 7.67 5.80
N ARG A 44 -0.12 8.94 6.10
CA ARG A 44 -0.49 9.33 7.47
C ARG A 44 -1.77 8.64 7.93
N ALA A 45 -2.81 8.61 7.08
CA ALA A 45 -4.09 7.96 7.41
C ALA A 45 -3.92 6.47 7.67
N PHE A 46 -3.08 5.79 6.86
CA PHE A 46 -2.79 4.37 7.01
C PHE A 46 -2.05 4.14 8.34
N ARG A 47 -1.02 4.97 8.62
CA ARG A 47 -0.24 4.87 9.86
C ARG A 47 -1.16 5.09 11.09
N ASP A 48 -2.08 6.06 11.01
CA ASP A 48 -2.98 6.42 12.10
C ASP A 48 -4.21 5.50 12.26
N GLY A 49 -4.48 4.66 11.27
CA GLY A 49 -5.66 3.80 11.29
C GLY A 49 -6.93 4.59 11.08
N ARG A 50 -6.85 5.70 10.31
CA ARG A 50 -8.02 6.54 10.05
C ARG A 50 -8.63 6.05 8.73
N SER A 51 -9.43 4.97 8.79
CA SER A 51 -10.06 4.28 7.65
C SER A 51 -10.87 5.14 6.69
N GLU A 52 -11.74 6.02 7.22
CA GLU A 52 -12.58 6.87 6.39
C GLU A 52 -11.75 7.93 5.71
N ASP A 53 -10.76 8.49 6.42
CA ASP A 53 -9.87 9.48 5.81
C ASP A 53 -9.02 8.82 4.73
N PHE A 54 -8.56 7.57 4.97
CA PHE A 54 -7.82 6.78 4.01
C PHE A 54 -8.68 6.58 2.74
N ARG A 55 -9.94 6.13 2.91
CA ARG A 55 -10.83 5.92 1.78
C ARG A 55 -11.04 7.21 0.95
N ARG A 56 -11.21 8.37 1.62
CA ARG A 56 -11.36 9.65 0.92
C ARG A 56 -10.11 10.09 0.17
N THR A 57 -8.94 9.96 0.80
CA THR A 57 -7.67 10.34 0.17
C THR A 57 -7.33 9.43 -1.02
N ARG A 58 -7.69 8.13 -0.91
CA ARG A 58 -7.50 7.14 -1.95
C ARG A 58 -8.33 7.52 -3.18
N ASN A 59 -9.59 7.95 -2.96
CA ASN A 59 -10.48 8.34 -4.06
C ASN A 59 -9.94 9.57 -4.77
N SER A 60 -9.43 10.53 -4.00
CA SER A 60 -8.82 11.75 -4.51
C SER A 60 -7.54 11.43 -5.30
N ALA A 61 -6.64 10.59 -4.74
CA ALA A 61 -5.39 10.22 -5.42
C ALA A 61 -5.70 9.52 -6.74
N GLU A 62 -6.65 8.57 -6.74
CA GLU A 62 -7.00 7.84 -7.94
C GLU A 62 -7.52 8.78 -9.03
N ALA A 63 -8.38 9.73 -8.67
CA ALA A 63 -8.90 10.69 -9.64
C ALA A 63 -7.78 11.63 -10.18
N ILE A 64 -6.91 12.14 -9.29
CA ILE A 64 -5.84 13.04 -9.67
C ILE A 64 -4.87 12.36 -10.64
N ILE A 65 -4.57 11.07 -10.39
CA ILE A 65 -3.68 10.26 -11.22
C ILE A 65 -4.20 10.13 -12.66
N HIS A 66 -5.54 10.19 -12.86
CA HIS A 66 -6.14 10.17 -14.22
C HIS A 66 -5.79 11.43 -15.02
N GLY A 67 -5.42 12.51 -14.36
CA GLY A 67 -4.99 13.72 -15.05
C GLY A 67 -3.54 13.70 -15.50
N LEU A 68 -2.87 12.56 -15.31
CA LEU A 68 -1.48 12.39 -15.71
C LEU A 68 -1.40 11.28 -16.75
N SER A 69 -0.74 11.52 -17.87
CA SER A 69 -0.57 10.49 -18.91
C SER A 69 0.91 10.09 -19.12
N SER A 70 1.85 10.91 -18.62
N SER A 70 1.85 10.91 -18.62
CA SER A 70 3.27 10.62 -18.74
CA SER A 70 3.26 10.61 -18.71
C SER A 70 3.90 10.80 -17.36
C SER A 70 3.84 10.78 -17.33
N LEU A 71 4.41 9.71 -16.78
CA LEU A 71 4.98 9.77 -15.44
C LEU A 71 6.46 9.54 -15.40
N THR A 72 7.16 10.24 -14.50
CA THR A 72 8.59 10.00 -14.27
C THR A 72 8.73 8.69 -13.42
N ALA A 73 9.96 8.18 -13.25
CA ALA A 73 10.21 7.00 -12.43
C ALA A 73 9.77 7.23 -10.96
N CYS A 74 9.94 8.47 -10.45
CA CYS A 74 9.56 8.85 -9.09
CA CYS A 74 9.55 8.81 -9.08
C CYS A 74 8.03 8.83 -8.93
N GLN A 75 7.31 9.37 -9.93
CA GLN A 75 5.85 9.43 -9.95
C GLN A 75 5.26 8.02 -10.05
N LEU A 76 5.88 7.11 -10.83
CA LEU A 76 5.43 5.72 -10.94
C LEU A 76 5.54 5.05 -9.58
N ARG A 77 6.68 5.23 -8.89
CA ARG A 77 6.86 4.67 -7.55
C ARG A 77 5.79 5.20 -6.58
N THR A 78 5.46 6.50 -6.67
CA THR A 78 4.42 7.12 -5.86
C THR A 78 3.05 6.50 -6.10
N ILE A 79 2.62 6.38 -7.37
CA ILE A 79 1.32 5.79 -7.65
C ILE A 79 1.25 4.32 -7.20
N TYR A 80 2.34 3.53 -7.35
CA TYR A 80 2.31 2.12 -6.96
C TYR A 80 2.32 1.93 -5.43
N ILE A 81 2.89 2.88 -4.68
CA ILE A 81 2.83 2.84 -3.22
C ILE A 81 1.36 3.09 -2.81
N CYS A 82 0.70 4.06 -3.45
CA CYS A 82 -0.71 4.34 -3.18
C CYS A 82 -1.59 3.09 -3.49
N GLN A 83 -1.36 2.44 -4.65
CA GLN A 83 -2.10 1.23 -5.04
C GLN A 83 -1.85 0.11 -4.03
N PHE A 84 -0.59 -0.11 -3.63
CA PHE A 84 -0.20 -1.13 -2.66
C PHE A 84 -0.89 -0.94 -1.30
N LEU A 85 -0.86 0.29 -0.73
CA LEU A 85 -1.52 0.53 0.55
C LEU A 85 -3.03 0.33 0.43
N THR A 86 -3.61 0.66 -0.73
CA THR A 86 -5.03 0.46 -0.99
C THR A 86 -5.39 -1.04 -0.90
N ARG A 87 -4.54 -1.93 -1.46
CA ARG A 87 -4.77 -3.37 -1.38
C ARG A 87 -4.60 -3.88 0.05
N ILE A 88 -3.60 -3.37 0.78
CA ILE A 88 -3.39 -3.75 2.17
C ILE A 88 -4.59 -3.35 3.03
N ALA A 89 -5.11 -2.12 2.84
CA ALA A 89 -6.26 -1.64 3.60
C ALA A 89 -7.52 -2.47 3.29
N ALA A 90 -7.64 -3.00 2.06
CA ALA A 90 -8.79 -3.87 1.73
C ALA A 90 -8.51 -5.39 1.99
N GLY A 91 -7.40 -5.70 2.64
CA GLY A 91 -6.92 -7.06 2.91
C GLY A 91 -7.88 -8.04 3.52
N LYS A 92 -8.72 -7.60 4.47
CA LYS A 92 -9.69 -8.50 5.08
C LYS A 92 -11.05 -8.53 4.37
N THR A 93 -11.23 -7.79 3.28
CA THR A 93 -12.50 -7.74 2.54
C THR A 93 -12.57 -8.89 1.52
N GLU A 102 -10.38 -8.77 -11.46
CA GLU A 102 -9.30 -9.74 -11.14
C GLU A 102 -9.89 -10.96 -10.43
N ARG A 103 -9.21 -12.11 -10.52
CA ARG A 103 -9.69 -13.35 -9.86
C ARG A 103 -8.77 -13.67 -8.67
N ILE A 104 -8.20 -12.62 -8.06
CA ILE A 104 -7.26 -12.82 -6.91
C ILE A 104 -7.76 -11.99 -5.72
N THR A 105 -7.17 -12.21 -4.55
CA THR A 105 -7.57 -11.46 -3.33
C THR A 105 -6.77 -10.18 -3.25
N PRO A 106 -7.25 -9.15 -2.50
CA PRO A 106 -6.51 -7.87 -2.32
C PRO A 106 -5.06 -8.11 -1.92
N LEU A 107 -4.82 -8.99 -0.95
CA LEU A 107 -3.45 -9.25 -0.46
C LEU A 107 -2.57 -9.91 -1.53
N GLU A 108 -3.17 -10.70 -2.44
CA GLU A 108 -2.44 -11.26 -3.58
C GLU A 108 -2.05 -10.12 -4.54
N SER A 109 -2.95 -9.16 -4.75
CA SER A 109 -2.69 -8.01 -5.60
C SER A 109 -1.58 -7.11 -4.98
N ALA A 110 -1.60 -6.90 -3.64
CA ALA A 110 -0.56 -6.15 -2.93
C ALA A 110 0.81 -6.80 -3.15
N LEU A 111 0.87 -8.14 -3.13
CA LEU A 111 2.08 -8.90 -3.34
C LEU A 111 2.63 -8.69 -4.75
N MET A 112 1.74 -8.66 -5.77
CA MET A 112 2.18 -8.43 -7.15
C MET A 112 2.78 -7.03 -7.30
N ILE A 113 2.18 -6.02 -6.64
CA ILE A 113 2.69 -4.66 -6.73
C ILE A 113 4.02 -4.54 -6.01
N TRP A 114 4.10 -5.13 -4.81
CA TRP A 114 5.27 -5.11 -3.94
C TRP A 114 6.49 -5.70 -4.64
N GLY A 115 6.28 -6.80 -5.35
CA GLY A 115 7.35 -7.47 -6.08
C GLY A 115 7.77 -6.77 -7.36
N SER A 116 7.01 -5.76 -7.80
CA SER A 116 7.34 -5.04 -9.04
C SER A 116 7.63 -3.56 -8.87
N ILE A 117 7.50 -2.99 -7.67
CA ILE A 117 7.84 -1.57 -7.43
C ILE A 117 9.35 -1.42 -7.63
N GLU A 118 9.79 -0.32 -8.27
CA GLU A 118 11.23 -0.10 -8.45
C GLU A 118 11.78 0.36 -7.10
N LYS A 119 12.23 -0.60 -6.29
CA LYS A 119 12.76 -0.33 -4.97
C LYS A 119 13.81 -1.38 -4.59
N GLU A 120 14.58 -1.13 -3.51
CA GLU A 120 15.62 -2.07 -3.08
C GLU A 120 14.97 -3.28 -2.42
N HIS A 121 15.48 -4.48 -2.74
CA HIS A 121 14.99 -5.70 -2.11
C HIS A 121 15.88 -5.99 -0.91
N ASP A 122 15.71 -5.19 0.13
CA ASP A 122 16.44 -5.29 1.38
C ASP A 122 15.75 -6.29 2.35
N LYS A 123 16.20 -6.33 3.61
CA LYS A 123 15.63 -7.22 4.63
C LYS A 123 14.18 -6.87 4.89
N LEU A 124 13.86 -5.57 5.01
CA LEU A 124 12.49 -5.13 5.27
C LEU A 124 11.55 -5.52 4.12
N HIS A 125 12.02 -5.42 2.87
CA HIS A 125 11.22 -5.80 1.70
C HIS A 125 10.81 -7.28 1.76
N GLU A 126 11.77 -8.15 2.10
CA GLU A 126 11.53 -9.59 2.21
C GLU A 126 10.62 -9.93 3.38
N GLU A 127 10.74 -9.19 4.50
CA GLU A 127 9.90 -9.43 5.66
C GLU A 127 8.45 -9.13 5.33
N ILE A 128 8.20 -7.99 4.68
CA ILE A 128 6.86 -7.59 4.26
C ILE A 128 6.30 -8.61 3.26
N GLN A 129 7.12 -9.02 2.29
CA GLN A 129 6.75 -10.00 1.27
C GLN A 129 6.27 -11.31 1.91
N ASN A 130 7.04 -11.85 2.86
CA ASN A 130 6.69 -13.09 3.54
C ASN A 130 5.45 -12.97 4.41
N LEU A 131 5.30 -11.87 5.14
CA LEU A 131 4.12 -11.62 5.97
C LEU A 131 2.86 -11.53 5.11
N ILE A 132 2.94 -10.89 3.94
CA ILE A 132 1.79 -10.77 3.04
C ILE A 132 1.40 -12.14 2.49
N LYS A 133 2.39 -12.96 2.10
CA LYS A 133 2.17 -14.28 1.52
C LYS A 133 1.38 -15.16 2.49
N ILE A 134 1.75 -15.15 3.77
CA ILE A 134 1.06 -15.96 4.76
C ILE A 134 -0.28 -15.36 5.14
N GLN A 135 -0.34 -14.02 5.28
CA GLN A 135 -1.61 -13.38 5.61
C GLN A 135 -2.62 -13.46 4.49
N ALA A 136 -2.18 -13.57 3.22
CA ALA A 136 -3.12 -13.74 2.12
C ALA A 136 -3.94 -15.05 2.31
N ILE A 137 -3.30 -16.08 2.89
CA ILE A 137 -3.94 -17.33 3.27
C ILE A 137 -4.74 -17.15 4.59
N ALA A 138 -4.10 -16.65 5.67
CA ALA A 138 -4.72 -16.50 6.98
C ALA A 138 -5.97 -15.61 7.03
N VAL A 139 -6.09 -14.56 6.21
CA VAL A 139 -7.32 -13.74 6.24
C VAL A 139 -8.51 -14.54 5.69
N CYS A 140 -8.28 -15.50 4.77
CA CYS A 140 -9.36 -16.35 4.27
C CYS A 140 -9.83 -17.27 5.39
N MET A 141 -8.91 -17.81 6.20
CA MET A 141 -9.22 -18.66 7.34
C MET A 141 -9.98 -17.86 8.40
N GLU A 142 -9.54 -16.62 8.67
CA GLU A 142 -10.21 -15.74 9.64
C GLU A 142 -11.67 -15.47 9.20
N ASN A 143 -11.91 -15.35 7.89
CA ASN A 143 -13.24 -15.14 7.33
C ASN A 143 -14.09 -16.43 7.24
N GLY A 144 -13.51 -17.59 7.58
CA GLY A 144 -14.19 -18.87 7.50
C GLY A 144 -14.27 -19.48 6.11
N ASN A 145 -13.50 -18.94 5.16
CA ASN A 145 -13.49 -19.49 3.79
C ASN A 145 -12.23 -20.30 3.57
N PHE A 146 -12.27 -21.59 3.93
CA PHE A 146 -11.12 -22.48 3.87
C PHE A 146 -10.84 -22.99 2.47
N LYS A 147 -11.86 -23.08 1.60
CA LYS A 147 -11.66 -23.44 0.21
C LYS A 147 -10.88 -22.31 -0.48
N GLU A 148 -11.23 -21.04 -0.17
CA GLU A 148 -10.51 -19.91 -0.74
C GLU A 148 -9.09 -19.85 -0.20
N ALA A 149 -8.87 -20.21 1.07
CA ALA A 149 -7.53 -20.26 1.66
C ALA A 149 -6.62 -21.21 0.86
N GLU A 150 -7.15 -22.39 0.44
CA GLU A 150 -6.43 -23.36 -0.39
C GLU A 150 -6.17 -22.85 -1.80
N GLU A 151 -7.13 -22.10 -2.37
CA GLU A 151 -6.96 -21.54 -3.71
C GLU A 151 -5.88 -20.46 -3.70
N VAL A 152 -5.83 -19.65 -2.63
CA VAL A 152 -4.81 -18.63 -2.46
C VAL A 152 -3.44 -19.30 -2.32
N PHE A 153 -3.33 -20.35 -1.46
CA PHE A 153 -2.08 -21.12 -1.31
C PHE A 153 -1.59 -21.66 -2.65
N GLU A 154 -2.48 -22.25 -3.45
CA GLU A 154 -2.10 -22.79 -4.75
C GLU A 154 -1.53 -21.74 -5.68
N ARG A 155 -2.15 -20.55 -5.72
CA ARG A 155 -1.67 -19.48 -6.58
C ARG A 155 -0.32 -18.88 -6.13
N ILE A 156 -0.04 -18.81 -4.83
CA ILE A 156 1.20 -18.23 -4.34
C ILE A 156 2.35 -19.25 -4.28
N PHE A 157 2.04 -20.46 -3.79
CA PHE A 157 3.07 -21.49 -3.61
C PHE A 157 3.03 -22.55 -4.70
N PRO A 165 8.75 -29.66 1.84
CA PRO A 165 8.25 -29.93 3.19
C PRO A 165 7.47 -28.73 3.74
N PHE A 166 8.01 -27.51 3.52
CA PHE A 166 7.33 -26.31 4.01
C PHE A 166 5.93 -26.16 3.43
N LYS A 167 5.80 -26.28 2.11
CA LYS A 167 4.51 -26.14 1.42
C LYS A 167 3.51 -27.19 1.92
N SER A 168 3.92 -28.46 2.00
CA SER A 168 3.02 -29.52 2.48
C SER A 168 2.60 -29.35 3.96
N LYS A 169 3.42 -28.63 4.77
CA LYS A 169 3.10 -28.34 6.18
C LYS A 169 2.10 -27.17 6.25
N LEU A 170 2.27 -26.17 5.39
CA LEU A 170 1.37 -25.04 5.32
C LEU A 170 0.01 -25.49 4.78
N LEU A 171 -0.02 -26.39 3.79
CA LEU A 171 -1.27 -26.90 3.26
C LEU A 171 -2.00 -27.78 4.32
N MET A 172 -1.26 -28.52 5.16
CA MET A 172 -1.87 -29.34 6.21
C MET A 172 -2.52 -28.45 7.28
N ILE A 173 -1.89 -27.32 7.60
CA ILE A 173 -2.41 -26.34 8.56
C ILE A 173 -3.77 -25.80 8.04
N ILE A 174 -3.85 -25.44 6.73
CA ILE A 174 -5.06 -24.91 6.14
C ILE A 174 -6.15 -25.97 6.18
N SER A 175 -5.80 -27.21 5.78
CA SER A 175 -6.65 -28.37 5.72
C SER A 175 -7.21 -28.75 7.10
N GLN A 176 -6.41 -28.61 8.14
CA GLN A 176 -6.84 -28.92 9.50
C GLN A 176 -7.55 -27.73 10.20
N LYS A 177 -7.69 -26.59 9.52
CA LYS A 177 -8.28 -25.36 10.04
C LYS A 177 -7.52 -24.93 11.29
N ASP A 178 -6.18 -25.05 11.27
CA ASP A 178 -5.34 -24.74 12.41
C ASP A 178 -4.96 -23.26 12.36
N THR A 179 -5.98 -22.41 12.44
CA THR A 179 -5.87 -20.97 12.30
C THR A 179 -4.94 -20.32 13.32
N PHE A 180 -4.85 -20.90 14.51
CA PHE A 180 -4.06 -20.34 15.59
C PHE A 180 -2.76 -21.12 15.85
N HIS A 181 -2.23 -21.80 14.83
CA HIS A 181 -0.95 -22.51 14.86
C HIS A 181 0.15 -21.48 15.15
N SER A 182 1.19 -21.86 15.91
CA SER A 182 2.27 -20.93 16.26
C SER A 182 2.90 -20.23 15.04
N PHE A 183 2.91 -20.89 13.87
CA PHE A 183 3.44 -20.31 12.64
C PHE A 183 2.61 -19.09 12.24
N PHE A 184 1.27 -19.22 12.26
CA PHE A 184 0.33 -18.15 11.94
C PHE A 184 0.37 -17.03 12.96
N GLN A 185 0.72 -17.34 14.21
CA GLN A 185 0.85 -16.38 15.30
C GLN A 185 2.14 -15.57 15.12
N HIS A 186 3.21 -16.17 14.58
CA HIS A 186 4.46 -15.42 14.30
C HIS A 186 4.32 -14.61 12.97
N PHE A 187 3.66 -15.18 11.95
CA PHE A 187 3.44 -14.47 10.69
C PHE A 187 2.00 -13.92 10.69
N SER A 188 1.71 -13.09 11.69
CA SER A 188 0.40 -12.53 12.01
C SER A 188 0.04 -11.27 11.25
N TYR A 189 -1.25 -10.90 11.32
CA TYR A 189 -1.76 -9.72 10.66
C TYR A 189 -1.16 -8.48 11.30
N ASN A 190 -1.08 -8.46 12.64
CA ASN A 190 -0.52 -7.35 13.39
C ASN A 190 0.96 -7.16 13.04
N HIS A 191 1.72 -8.25 12.89
CA HIS A 191 3.13 -8.16 12.52
C HIS A 191 3.27 -7.66 11.08
N MET A 192 2.35 -8.04 10.19
CA MET A 192 2.36 -7.56 8.82
C MET A 192 2.10 -6.04 8.81
N MET A 193 1.08 -5.60 9.57
CA MET A 193 0.74 -4.19 9.66
C MET A 193 1.87 -3.37 10.27
N GLU A 194 2.49 -3.87 11.36
CA GLU A 194 3.63 -3.17 11.98
C GLU A 194 4.79 -2.99 11.00
N LYS A 195 5.17 -4.05 10.26
CA LYS A 195 6.28 -3.96 9.31
C LYS A 195 5.97 -3.01 8.17
N ILE A 196 4.73 -3.04 7.67
CA ILE A 196 4.32 -2.14 6.59
C ILE A 196 4.29 -0.69 7.07
N LYS A 197 3.85 -0.44 8.31
CA LYS A 197 3.84 0.90 8.89
C LYS A 197 5.25 1.46 9.03
N SER A 198 6.23 0.60 9.33
N SER A 198 6.24 0.61 9.33
CA SER A 198 7.63 1.03 9.42
CA SER A 198 7.63 1.04 9.41
C SER A 198 8.13 1.50 8.04
C SER A 198 8.11 1.52 8.02
N TYR A 199 7.69 0.83 6.96
CA TYR A 199 8.03 1.21 5.59
C TYR A 199 7.33 2.54 5.25
N VAL A 200 6.04 2.66 5.63
CA VAL A 200 5.22 3.86 5.43
C VAL A 200 5.91 5.07 6.08
N ASN A 201 6.56 4.88 7.25
CA ASN A 201 7.29 5.96 7.93
C ASN A 201 8.48 6.46 7.12
N TYR A 202 9.12 5.59 6.32
CA TYR A 202 10.25 5.99 5.47
C TYR A 202 9.72 6.81 4.30
N VAL A 203 8.59 6.38 3.69
CA VAL A 203 7.96 7.13 2.59
C VAL A 203 7.52 8.50 3.11
N LEU A 204 6.92 8.53 4.28
CA LEU A 204 6.42 9.73 4.95
C LEU A 204 7.56 10.74 5.16
N SER A 205 8.75 10.28 5.60
CA SER A 205 9.88 11.20 5.81
C SER A 205 10.52 11.62 4.48
N GLU A 206 10.56 10.71 3.49
CA GLU A 206 11.12 11.03 2.18
C GLU A 206 10.26 12.03 1.40
N LYS A 207 8.97 12.18 1.75
CA LYS A 207 8.06 13.12 1.08
C LYS A 207 7.62 14.28 1.98
N SER A 208 8.08 14.33 3.25
CA SER A 208 7.72 15.37 4.22
C SER A 208 7.99 16.80 3.73
N SER A 209 8.98 16.99 2.84
CA SER A 209 9.32 18.31 2.33
C SER A 209 8.78 18.62 0.92
N THR A 210 7.78 17.88 0.44
CA THR A 210 7.22 18.13 -0.89
C THR A 210 6.45 19.47 -0.90
N PHE A 211 6.45 20.17 -2.04
CA PHE A 211 5.91 21.51 -2.21
C PHE A 211 4.58 21.83 -1.51
N LEU A 212 3.50 21.10 -1.85
CA LEU A 212 2.17 21.42 -1.36
C LEU A 212 1.99 21.33 0.16
N MET A 213 2.47 20.26 0.80
CA MET A 213 2.33 20.12 2.25
C MET A 213 3.19 21.16 2.99
N LYS A 214 4.38 21.45 2.46
CA LYS A 214 5.29 22.41 3.05
C LYS A 214 4.70 23.83 3.00
N ALA A 215 4.09 24.22 1.86
CA ALA A 215 3.47 25.53 1.73
C ALA A 215 2.23 25.64 2.64
N ALA A 216 1.46 24.55 2.76
CA ALA A 216 0.26 24.47 3.60
C ALA A 216 0.60 24.55 5.10
N ALA A 217 1.66 23.85 5.54
CA ALA A 217 2.08 23.93 6.94
C ALA A 217 2.59 25.35 7.27
N LYS A 218 3.17 26.05 6.28
CA LYS A 218 3.67 27.42 6.45
C LYS A 218 2.50 28.36 6.72
N VAL A 219 1.38 28.17 6.03
CA VAL A 219 0.19 29.00 6.25
C VAL A 219 -0.39 28.74 7.66
N VAL A 220 -0.47 27.46 8.06
CA VAL A 220 -0.96 27.08 9.39
C VAL A 220 -0.07 27.60 10.51
N GLU A 221 1.26 27.50 10.37
CA GLU A 221 2.18 28.03 11.38
C GLU A 221 2.07 29.55 11.51
N SER A 222 1.78 30.25 10.40
N SER A 222 1.78 30.24 10.40
CA SER A 222 1.62 31.71 10.41
CA SER A 222 1.62 31.69 10.39
C SER A 222 0.38 32.16 11.20
C SER A 222 0.37 32.16 11.17
N LYS A 223 -0.64 31.29 11.32
CA LYS A 223 -1.87 31.61 12.06
C LYS A 223 -1.77 31.26 13.55
N ARG A 224 -0.56 31.05 14.09
CA ARG A 224 -0.38 30.68 15.50
#